data_5BPU
#
_entry.id   5BPU
#
_cell.length_a   46.370
_cell.length_b   79.100
_cell.length_c   234.340
_cell.angle_alpha   90.000
_cell.angle_beta   90.000
_cell.angle_gamma   90.000
#
_symmetry.space_group_name_H-M   'P 21 21 21'
#
loop_
_entity.id
_entity.type
_entity.pdbx_description
1 polymer Norrin
2 polymer (GGL)EEEEEE
3 polymer (GGL)EEE
4 water water
#
loop_
_entity_poly.entity_id
_entity_poly.type
_entity_poly.pdbx_seq_one_letter_code
_entity_poly.pdbx_strand_id
1 'polypeptide(L)'
;GPGKTDSSFIMDSDPRRCMRHHYVDSISHPLYKCSSKMVLLARCEGHCSQASRSEPLVSFSTVLKQPFRSSCHCCRPQTS
KLKALRLRCSGGMRLTATYRYILSCHCEECNSGTETSQVAPA
;
A,B,C,D,E,F
2 'polypeptide(L)' (GGL)EEEEEE H
3 'polypeptide(L)' (GGL)EEE I
#
# COMPACT_ATOMS: atom_id res chain seq x y z
N ILE A 10 -11.49 16.80 5.38
CA ILE A 10 -11.77 15.48 4.82
C ILE A 10 -12.95 14.85 5.57
N MET A 11 -14.01 14.55 4.84
CA MET A 11 -15.22 13.98 5.44
C MET A 11 -15.21 12.46 5.41
N ASP A 12 -15.45 11.85 6.57
CA ASP A 12 -15.81 10.44 6.61
C ASP A 12 -17.21 10.32 6.03
N SER A 13 -17.49 9.21 5.37
CA SER A 13 -18.77 9.01 4.76
C SER A 13 -19.79 8.40 5.67
N ASP A 14 -21.01 8.36 5.20
CA ASP A 14 -22.11 7.90 6.01
C ASP A 14 -21.87 6.46 6.37
N PRO A 15 -21.93 6.19 7.73
CA PRO A 15 -21.62 4.80 8.08
C PRO A 15 -22.69 3.78 7.74
N ARG A 16 -23.88 4.25 7.46
CA ARG A 16 -25.02 3.37 7.19
C ARG A 16 -25.14 2.99 5.71
N ARG A 17 -24.13 3.35 4.92
CA ARG A 17 -24.13 3.02 3.49
C ARG A 17 -23.78 1.55 3.26
N CYS A 18 -24.03 1.07 2.05
CA CYS A 18 -23.65 -0.28 1.66
C CYS A 18 -22.16 -0.50 1.87
N MET A 19 -21.82 -1.43 2.76
CA MET A 19 -20.44 -1.84 2.97
C MET A 19 -20.38 -3.25 3.53
N ARG A 20 -19.17 -3.80 3.58
CA ARG A 20 -18.96 -5.17 4.00
C ARG A 20 -18.73 -5.26 5.50
N HIS A 21 -19.14 -6.39 6.08
CA HIS A 21 -18.92 -6.66 7.50
C HIS A 21 -18.37 -8.07 7.66
N HIS A 22 -17.43 -8.23 8.59
CA HIS A 22 -16.93 -9.56 8.93
C HIS A 22 -17.71 -10.12 10.12
N TYR A 23 -17.84 -11.44 10.15
CA TYR A 23 -18.41 -12.12 11.29
C TYR A 23 -17.92 -13.56 11.30
N VAL A 24 -17.93 -14.16 12.49
CA VAL A 24 -17.53 -15.55 12.64
C VAL A 24 -18.75 -16.42 12.89
N ASP A 25 -18.73 -17.61 12.32
CA ASP A 25 -19.78 -18.60 12.55
C ASP A 25 -19.18 -19.98 12.69
N SER A 26 -19.87 -20.86 13.40
CA SER A 26 -19.44 -22.24 13.56
C SER A 26 -20.26 -23.15 12.66
N ILE A 27 -19.60 -23.87 11.77
CA ILE A 27 -20.29 -24.72 10.81
C ILE A 27 -20.42 -26.15 11.33
N SER A 28 -21.65 -26.64 11.32
CA SER A 28 -21.96 -28.01 11.69
C SER A 28 -22.99 -28.54 10.71
N HIS A 29 -22.98 -29.85 10.45
CA HIS A 29 -24.01 -30.43 9.60
C HIS A 29 -25.29 -30.61 10.42
N PRO A 30 -26.46 -30.33 9.83
CA PRO A 30 -27.71 -30.43 10.59
C PRO A 30 -28.19 -31.86 10.82
N LEU A 31 -27.45 -32.84 10.31
CA LEU A 31 -27.86 -34.24 10.37
C LEU A 31 -26.73 -35.14 10.85
N TYR A 32 -25.57 -35.05 10.21
CA TYR A 32 -24.44 -35.90 10.55
C TYR A 32 -23.76 -35.45 11.84
N LYS A 33 -23.22 -36.41 12.57
CA LYS A 33 -22.41 -36.11 13.74
C LYS A 33 -21.00 -35.78 13.26
N CYS A 34 -20.79 -34.50 12.95
CA CYS A 34 -19.49 -34.02 12.46
C CYS A 34 -18.88 -33.10 13.49
N SER A 35 -17.57 -32.89 13.39
CA SER A 35 -16.88 -31.98 14.28
C SER A 35 -17.05 -30.56 13.77
N SER A 36 -17.65 -29.71 14.60
CA SER A 36 -17.95 -28.34 14.20
C SER A 36 -16.65 -27.58 13.92
N LYS A 37 -16.78 -26.40 13.34
CA LYS A 37 -15.62 -25.64 12.88
C LYS A 37 -15.93 -24.17 12.74
N MET A 38 -15.09 -23.33 13.35
CA MET A 38 -15.26 -21.88 13.26
C MET A 38 -14.71 -21.35 11.95
N VAL A 39 -15.46 -20.44 11.33
CA VAL A 39 -15.05 -19.86 10.05
C VAL A 39 -15.31 -18.35 10.04
N LEU A 40 -14.40 -17.61 9.42
CA LEU A 40 -14.57 -16.18 9.23
C LEU A 40 -15.36 -15.94 7.94
N LEU A 41 -16.45 -15.19 8.04
CA LEU A 41 -17.30 -14.88 6.89
C LEU A 41 -17.47 -13.38 6.74
N ALA A 42 -17.88 -12.96 5.56
CA ALA A 42 -18.21 -11.57 5.29
C ALA A 42 -19.64 -11.45 4.78
N ARG A 43 -20.28 -10.33 5.09
CA ARG A 43 -21.62 -10.06 4.60
C ARG A 43 -21.71 -8.62 4.12
N CYS A 44 -22.79 -8.32 3.40
CA CYS A 44 -23.05 -6.96 2.94
C CYS A 44 -24.28 -6.39 3.63
N GLU A 45 -24.21 -5.11 3.97
CA GLU A 45 -25.36 -4.42 4.54
C GLU A 45 -25.18 -2.91 4.51
N GLY A 46 -26.29 -2.22 4.25
CA GLY A 46 -26.30 -0.76 4.27
C GLY A 46 -27.52 -0.19 3.56
N HIS A 47 -27.65 1.13 3.61
CA HIS A 47 -28.70 1.84 2.90
C HIS A 47 -28.13 2.48 1.66
N CYS A 48 -28.49 1.93 0.50
CA CYS A 48 -28.03 2.46 -0.77
C CYS A 48 -28.53 3.89 -0.95
N SER A 49 -27.73 4.72 -1.61
CA SER A 49 -27.98 6.16 -1.66
C SER A 49 -29.13 6.51 -2.59
N GLN A 50 -29.21 5.84 -3.74
CA GLN A 50 -30.27 6.11 -4.70
C GLN A 50 -31.62 5.72 -4.10
N ALA A 51 -32.59 6.62 -4.20
CA ALA A 51 -33.96 6.30 -3.82
C ALA A 51 -34.49 5.22 -4.75
N SER A 52 -35.49 4.49 -4.29
CA SER A 52 -36.18 3.52 -5.14
C SER A 52 -37.42 4.16 -5.76
N ARG A 53 -37.69 3.85 -7.02
CA ARG A 53 -38.76 4.50 -7.77
C ARG A 53 -39.76 3.49 -8.32
N SER A 54 -40.96 3.98 -8.65
CA SER A 54 -41.92 3.19 -9.40
C SER A 54 -42.89 4.12 -10.13
N GLU A 55 -42.86 4.07 -11.46
CA GLU A 55 -43.70 4.90 -12.31
C GLU A 55 -44.75 4.08 -13.05
N PRO A 56 -45.95 4.65 -13.26
CA PRO A 56 -46.90 3.95 -14.12
C PRO A 56 -46.46 3.95 -15.59
N LEU A 57 -46.75 2.87 -16.31
CA LEU A 57 -46.54 2.83 -17.75
C LEU A 57 -47.88 3.03 -18.44
N VAL A 58 -47.86 3.70 -19.59
CA VAL A 58 -49.08 3.97 -20.34
C VAL A 58 -49.21 2.97 -21.48
N SER A 59 -50.34 2.27 -21.51
CA SER A 59 -50.62 1.28 -22.54
C SER A 59 -51.80 1.69 -23.40
N PHE A 60 -51.70 1.40 -24.70
CA PHE A 60 -52.81 1.54 -25.63
C PHE A 60 -53.35 0.14 -26.00
N SER A 61 -52.54 -0.87 -25.70
CA SER A 61 -52.90 -2.26 -25.90
C SER A 61 -53.64 -2.76 -24.66
N THR A 62 -53.79 -4.07 -24.56
CA THR A 62 -54.50 -4.66 -23.45
C THR A 62 -53.80 -4.31 -22.14
N VAL A 63 -54.58 -4.16 -21.08
CA VAL A 63 -54.10 -3.67 -19.82
C VAL A 63 -52.86 -4.45 -19.50
N LEU A 64 -51.83 -3.73 -19.10
CA LEU A 64 -50.51 -4.30 -19.07
C LEU A 64 -50.35 -5.33 -18.00
N LYS A 65 -49.64 -6.41 -18.31
CA LYS A 65 -49.34 -7.40 -17.32
C LYS A 65 -48.47 -6.75 -16.28
N GLN A 66 -47.58 -5.86 -16.72
CA GLN A 66 -46.82 -5.05 -15.79
C GLN A 66 -47.09 -3.55 -15.88
N PRO A 67 -47.82 -3.06 -14.80
CA PRO A 67 -48.15 -1.63 -14.92
C PRO A 67 -47.13 -0.60 -14.48
N PHE A 68 -45.99 -1.00 -13.98
CA PHE A 68 -45.03 -0.05 -13.51
C PHE A 68 -43.66 -0.31 -14.04
N ARG A 69 -42.91 0.76 -14.14
CA ARG A 69 -41.47 0.72 -14.34
C ARG A 69 -40.85 1.14 -13.03
N SER A 70 -39.90 0.36 -12.52
CA SER A 70 -39.34 0.61 -11.20
C SER A 70 -37.82 0.49 -11.16
N SER A 71 -37.24 1.18 -10.18
CA SER A 71 -35.81 1.12 -9.91
C SER A 71 -35.61 1.01 -8.41
N CYS A 72 -34.77 0.07 -7.99
CA CYS A 72 -34.49 -0.16 -6.58
C CYS A 72 -33.10 -0.74 -6.41
N HIS A 73 -32.27 -0.10 -5.59
CA HIS A 73 -30.89 -0.53 -5.42
C HIS A 73 -30.71 -1.28 -4.11
N CYS A 74 -29.94 -2.37 -4.19
CA CYS A 74 -29.80 -3.30 -3.08
C CYS A 74 -28.33 -3.58 -2.80
N CYS A 75 -27.97 -3.55 -1.53
CA CYS A 75 -26.59 -3.83 -1.11
C CYS A 75 -26.27 -5.30 -1.32
N ARG A 76 -25.32 -5.58 -2.22
CA ARG A 76 -25.05 -6.97 -2.62
C ARG A 76 -23.57 -7.20 -2.95
N PRO A 77 -23.14 -8.48 -2.91
CA PRO A 77 -21.77 -8.83 -3.27
C PRO A 77 -21.40 -8.37 -4.68
N GLN A 78 -20.27 -7.67 -4.80
CA GLN A 78 -19.77 -7.26 -6.10
C GLN A 78 -18.71 -8.24 -6.56
N THR A 79 -17.84 -8.61 -5.64
CA THR A 79 -16.87 -9.67 -5.87
C THR A 79 -16.80 -10.59 -4.67
N SER A 80 -16.56 -11.88 -4.92
CA SER A 80 -16.44 -12.87 -3.87
C SER A 80 -15.46 -13.95 -4.32
N LYS A 81 -15.21 -14.90 -3.43
CA LYS A 81 -14.28 -15.98 -3.71
C LYS A 81 -14.82 -17.30 -3.17
N LEU A 82 -14.84 -18.32 -4.02
CA LEU A 82 -15.30 -19.62 -3.58
C LEU A 82 -14.30 -20.22 -2.61
N LYS A 83 -14.81 -20.81 -1.55
CA LYS A 83 -13.97 -21.47 -0.56
C LYS A 83 -14.60 -22.77 -0.12
N ALA A 84 -13.74 -23.74 0.18
CA ALA A 84 -14.18 -25.04 0.66
C ALA A 84 -13.74 -25.21 2.10
N LEU A 85 -14.56 -25.89 2.88
CA LEU A 85 -14.23 -26.23 4.26
C LEU A 85 -14.29 -27.73 4.40
N ARG A 86 -13.45 -28.29 5.26
CA ARG A 86 -13.40 -29.73 5.47
C ARG A 86 -13.77 -30.09 6.89
N LEU A 87 -14.82 -30.89 7.04
CA LEU A 87 -15.27 -31.34 8.34
C LEU A 87 -14.92 -32.82 8.57
N ARG A 88 -14.48 -33.12 9.78
CA ARG A 88 -14.20 -34.47 10.20
C ARG A 88 -15.44 -35.05 10.87
N CYS A 89 -15.97 -36.14 10.32
CA CYS A 89 -17.22 -36.72 10.83
C CYS A 89 -17.02 -38.10 11.42
N SER A 90 -18.01 -38.52 12.21
CA SER A 90 -17.91 -39.68 13.11
C SER A 90 -17.18 -40.90 12.55
N GLY A 91 -17.59 -41.38 11.39
CA GLY A 91 -17.04 -42.60 10.83
C GLY A 91 -15.65 -42.43 10.25
N GLY A 92 -15.02 -41.29 10.51
CA GLY A 92 -13.75 -40.96 9.87
C GLY A 92 -14.02 -40.54 8.44
N MET A 93 -15.29 -40.37 8.10
CA MET A 93 -15.70 -39.89 6.79
C MET A 93 -15.57 -38.37 6.78
N ARG A 94 -15.01 -37.82 5.72
CA ARG A 94 -14.78 -36.37 5.65
C ARG A 94 -15.85 -35.70 4.80
N LEU A 95 -16.38 -34.60 5.35
CA LEU A 95 -17.49 -33.86 4.75
C LEU A 95 -17.03 -32.46 4.38
N THR A 96 -17.22 -32.07 3.12
CA THR A 96 -16.71 -30.78 2.64
C THR A 96 -17.84 -29.77 2.50
N ALA A 97 -17.62 -28.57 3.05
CA ALA A 97 -18.63 -27.50 3.00
C ALA A 97 -18.16 -26.38 2.08
N THR A 98 -19.07 -25.92 1.23
CA THR A 98 -18.77 -24.89 0.23
C THR A 98 -19.53 -23.60 0.53
N TYR A 99 -18.86 -22.47 0.32
CA TYR A 99 -19.47 -21.16 0.52
C TYR A 99 -18.66 -20.10 -0.22
N ARG A 100 -19.22 -18.90 -0.32
CA ARG A 100 -18.52 -17.78 -0.94
C ARG A 100 -18.10 -16.73 0.07
N TYR A 101 -16.83 -16.35 0.00
CA TYR A 101 -16.30 -15.29 0.84
C TYR A 101 -16.39 -13.97 0.09
N ILE A 102 -17.25 -13.08 0.58
CA ILE A 102 -17.47 -11.81 -0.08
C ILE A 102 -16.24 -10.91 0.10
N LEU A 103 -15.74 -10.38 -1.01
CA LEU A 103 -14.55 -9.55 -1.02
C LEU A 103 -14.89 -8.06 -1.00
N SER A 104 -15.96 -7.72 -1.70
CA SER A 104 -16.41 -6.34 -1.82
C SER A 104 -17.92 -6.33 -2.03
N CYS A 105 -18.54 -5.24 -1.64
CA CYS A 105 -19.98 -5.10 -1.72
C CYS A 105 -20.34 -3.81 -2.46
N HIS A 106 -21.45 -3.82 -3.16
CA HIS A 106 -21.96 -2.68 -3.89
C HIS A 106 -23.47 -2.63 -4.04
N CYS A 107 -23.96 -1.47 -4.43
CA CYS A 107 -25.37 -1.25 -4.70
C CYS A 107 -25.76 -1.57 -6.13
N GLU A 108 -26.71 -2.48 -6.30
CA GLU A 108 -27.15 -2.87 -7.63
C GLU A 108 -28.66 -3.02 -7.68
N GLU A 109 -29.21 -3.06 -8.89
CA GLU A 109 -30.65 -3.09 -9.09
C GLU A 109 -31.28 -4.38 -8.56
N CYS A 110 -32.48 -4.24 -8.00
CA CYS A 110 -33.26 -5.36 -7.50
C CYS A 110 -33.37 -6.50 -8.51
N ASN A 111 -33.94 -6.20 -9.67
CA ASN A 111 -34.31 -7.24 -10.62
C ASN A 111 -33.12 -7.88 -11.34
N SER A 112 -31.95 -7.26 -11.24
CA SER A 112 -30.74 -7.84 -11.82
C SER A 112 -30.33 -9.06 -11.00
N GLY A 113 -29.65 -10.02 -11.64
CA GLY A 113 -29.26 -11.25 -10.99
C GLY A 113 -27.95 -11.80 -11.51
N THR A 114 -27.57 -12.97 -11.00
CA THR A 114 -26.32 -13.63 -11.38
C THR A 114 -26.60 -15.07 -11.78
N GLU A 115 -26.31 -15.39 -13.04
CA GLU A 115 -26.54 -16.73 -13.59
C GLU A 115 -25.49 -17.72 -13.09
N THR A 116 -25.91 -18.96 -12.84
CA THR A 116 -25.00 -20.02 -12.45
C THR A 116 -24.78 -21.01 -13.60
N SER A 117 -25.78 -21.15 -14.45
CA SER A 117 -25.71 -22.06 -15.58
C SER A 117 -24.59 -21.69 -16.54
N GLN A 118 -23.76 -22.67 -16.88
CA GLN A 118 -22.69 -22.46 -17.84
C GLN A 118 -23.22 -22.61 -19.26
N VAL A 119 -22.57 -21.94 -20.20
CA VAL A 119 -22.98 -21.95 -21.60
C VAL A 119 -22.05 -22.81 -22.43
N ALA A 120 -22.61 -23.53 -23.40
CA ALA A 120 -21.82 -24.41 -24.26
C ALA A 120 -20.95 -23.60 -25.23
N ASP B 14 -39.76 13.22 7.79
CA ASP B 14 -38.68 12.81 6.91
C ASP B 14 -39.11 12.90 5.45
N PRO B 15 -38.54 13.85 4.67
CA PRO B 15 -38.94 13.99 3.27
C PRO B 15 -38.32 12.94 2.34
N ARG B 16 -37.39 12.15 2.86
CA ARG B 16 -36.65 11.19 2.06
C ARG B 16 -37.33 9.82 2.01
N ARG B 17 -38.34 9.63 2.84
CA ARG B 17 -38.99 8.32 2.97
C ARG B 17 -39.88 8.00 1.76
N CYS B 18 -40.29 6.73 1.69
CA CYS B 18 -41.21 6.27 0.67
C CYS B 18 -42.52 7.06 0.70
N MET B 19 -42.81 7.75 -0.39
CA MET B 19 -44.08 8.48 -0.51
C MET B 19 -44.40 8.81 -1.97
N ARG B 20 -45.55 9.46 -2.17
CA ARG B 20 -46.07 9.73 -3.51
C ARG B 20 -45.58 11.08 -4.02
N HIS B 21 -45.06 11.08 -5.24
CA HIS B 21 -44.61 12.31 -5.91
C HIS B 21 -45.36 12.51 -7.22
N HIS B 22 -45.84 13.73 -7.44
CA HIS B 22 -46.59 14.05 -8.64
C HIS B 22 -45.68 14.65 -9.70
N TYR B 23 -45.99 14.37 -10.96
CA TYR B 23 -45.21 14.85 -12.10
C TYR B 23 -46.04 14.81 -13.36
N VAL B 24 -45.74 15.71 -14.31
CA VAL B 24 -46.48 15.74 -15.57
C VAL B 24 -45.84 14.79 -16.58
N ASP B 25 -46.69 14.06 -17.29
CA ASP B 25 -46.25 13.18 -18.37
C ASP B 25 -47.08 13.49 -19.61
N SER B 26 -46.44 13.51 -20.77
CA SER B 26 -47.13 13.79 -22.02
C SER B 26 -47.51 12.47 -22.69
N ILE B 27 -48.82 12.23 -22.82
CA ILE B 27 -49.29 11.01 -23.45
C ILE B 27 -49.24 11.15 -24.97
N SER B 28 -48.56 10.22 -25.60
CA SER B 28 -48.47 10.18 -27.05
C SER B 28 -48.59 8.73 -27.52
N HIS B 29 -49.35 8.50 -28.58
CA HIS B 29 -49.47 7.16 -29.13
C HIS B 29 -48.14 6.81 -29.79
N PRO B 30 -47.68 5.55 -29.64
CA PRO B 30 -46.44 5.14 -30.30
C PRO B 30 -46.40 5.45 -31.79
N LEU B 31 -47.53 5.31 -32.46
CA LEU B 31 -47.58 5.32 -33.91
C LEU B 31 -48.50 6.39 -34.50
N TYR B 32 -49.75 6.43 -34.03
CA TYR B 32 -50.77 7.27 -34.64
C TYR B 32 -50.53 8.75 -34.41
N LYS B 33 -50.86 9.57 -35.39
CA LYS B 33 -50.75 10.98 -35.18
C LYS B 33 -51.94 11.26 -34.37
N CYS B 34 -51.67 11.57 -33.13
CA CYS B 34 -52.72 11.85 -32.17
C CYS B 34 -52.39 13.10 -31.38
N SER B 35 -53.42 13.85 -31.01
CA SER B 35 -53.25 15.10 -30.30
C SER B 35 -52.73 14.81 -28.90
N SER B 36 -51.48 15.20 -28.65
CA SER B 36 -50.81 14.89 -27.40
C SER B 36 -51.59 15.39 -26.19
N LYS B 37 -51.45 14.69 -25.07
CA LYS B 37 -52.19 15.00 -23.85
C LYS B 37 -51.26 15.01 -22.65
N MET B 38 -51.19 16.17 -21.99
CA MET B 38 -50.38 16.30 -20.78
C MET B 38 -51.25 16.04 -19.56
N VAL B 39 -50.80 15.11 -18.72
CA VAL B 39 -51.58 14.68 -17.56
C VAL B 39 -50.68 14.63 -16.33
N LEU B 40 -51.27 14.80 -15.15
CA LEU B 40 -50.51 14.78 -13.90
C LEU B 40 -50.53 13.38 -13.31
N LEU B 41 -49.35 12.77 -13.24
CA LEU B 41 -49.22 11.40 -12.75
C LEU B 41 -48.54 11.34 -11.40
N ALA B 42 -48.83 10.28 -10.65
CA ALA B 42 -48.15 10.01 -9.40
C ALA B 42 -47.11 8.93 -9.63
N ARG B 43 -45.93 9.15 -9.05
CA ARG B 43 -44.91 8.12 -8.95
C ARG B 43 -44.68 7.91 -7.47
N CYS B 44 -44.11 6.77 -7.12
CA CYS B 44 -43.70 6.55 -5.75
C CYS B 44 -42.19 6.39 -5.67
N GLU B 45 -41.60 7.18 -4.78
CA GLU B 45 -40.17 7.41 -4.74
C GLU B 45 -39.73 7.73 -3.32
N GLY B 46 -38.63 7.13 -2.87
CA GLY B 46 -38.10 7.43 -1.56
C GLY B 46 -37.01 6.47 -1.11
N HIS B 47 -36.58 6.65 0.13
CA HIS B 47 -35.57 5.79 0.73
C HIS B 47 -36.19 4.93 1.84
N CYS B 48 -36.28 3.63 1.57
CA CYS B 48 -36.84 2.70 2.54
C CYS B 48 -35.93 2.61 3.77
N SER B 49 -36.53 2.58 4.95
CA SER B 49 -35.77 2.64 6.19
C SER B 49 -34.98 1.36 6.44
N GLN B 50 -35.54 0.21 6.09
CA GLN B 50 -34.85 -1.06 6.30
C GLN B 50 -33.63 -1.16 5.41
N ALA B 51 -32.47 -1.41 6.02
CA ALA B 51 -31.25 -1.64 5.28
C ALA B 51 -31.42 -2.85 4.38
N SER B 52 -30.74 -2.86 3.24
CA SER B 52 -30.66 -4.05 2.40
C SER B 52 -29.42 -4.83 2.83
N ARG B 53 -29.47 -6.14 2.69
CA ARG B 53 -28.36 -6.98 3.13
C ARG B 53 -28.23 -8.24 2.28
N SER B 54 -27.06 -8.86 2.31
CA SER B 54 -26.85 -10.13 1.64
C SER B 54 -25.84 -10.97 2.41
N GLU B 55 -26.11 -12.26 2.49
CA GLU B 55 -25.40 -13.18 3.38
C GLU B 55 -24.90 -14.38 2.60
N PRO B 56 -23.73 -14.94 2.96
CA PRO B 56 -23.40 -16.21 2.31
C PRO B 56 -24.21 -17.38 2.87
N LEU B 57 -24.70 -18.24 1.99
CA LEU B 57 -25.29 -19.51 2.40
C LEU B 57 -24.19 -20.58 2.36
N VAL B 58 -24.31 -21.59 3.22
CA VAL B 58 -23.34 -22.68 3.25
C VAL B 58 -23.96 -23.92 2.63
N SER B 59 -23.21 -24.55 1.72
CA SER B 59 -23.66 -25.77 1.05
C SER B 59 -22.71 -26.92 1.36
N PHE B 60 -23.29 -28.07 1.70
CA PHE B 60 -22.51 -29.29 1.92
C PHE B 60 -22.37 -30.06 0.62
N SER B 61 -23.03 -29.55 -0.42
CA SER B 61 -22.78 -30.00 -1.79
C SER B 61 -21.51 -29.34 -2.31
N THR B 62 -20.94 -29.89 -3.38
CA THR B 62 -19.80 -29.27 -4.06
C THR B 62 -20.29 -28.25 -5.08
N VAL B 63 -21.61 -28.07 -5.12
CA VAL B 63 -22.24 -27.15 -6.05
C VAL B 63 -22.96 -26.08 -5.23
N LEU B 64 -22.92 -24.84 -5.69
CA LEU B 64 -23.50 -23.71 -4.96
C LEU B 64 -24.41 -22.90 -5.87
N LYS B 65 -25.66 -23.33 -5.97
CA LYS B 65 -26.63 -22.73 -6.88
C LYS B 65 -27.20 -21.45 -6.30
N GLN B 66 -27.42 -21.45 -4.99
CA GLN B 66 -27.92 -20.26 -4.29
C GLN B 66 -26.84 -19.79 -3.31
N PRO B 67 -25.87 -19.00 -3.80
CA PRO B 67 -24.74 -18.62 -2.95
C PRO B 67 -25.11 -17.65 -1.84
N PHE B 68 -26.15 -16.84 -2.02
CA PHE B 68 -26.47 -15.80 -1.05
C PHE B 68 -27.94 -15.71 -0.63
N ARG B 69 -28.14 -15.22 0.58
CA ARG B 69 -29.45 -14.94 1.14
C ARG B 69 -29.56 -13.43 1.38
N SER B 70 -30.44 -12.77 0.66
CA SER B 70 -30.49 -11.32 0.68
C SER B 70 -31.87 -10.79 1.01
N SER B 71 -31.90 -9.53 1.45
CA SER B 71 -33.13 -8.82 1.71
C SER B 71 -32.97 -7.38 1.24
N CYS B 72 -33.99 -6.87 0.57
CA CYS B 72 -33.97 -5.49 0.08
C CYS B 72 -35.38 -4.94 -0.01
N HIS B 73 -35.57 -3.71 0.46
CA HIS B 73 -36.89 -3.09 0.43
C HIS B 73 -36.97 -2.00 -0.63
N CYS B 74 -38.07 -1.99 -1.36
CA CYS B 74 -38.26 -1.10 -2.49
C CYS B 74 -39.55 -0.32 -2.34
N CYS B 75 -39.47 0.97 -2.63
CA CYS B 75 -40.62 1.85 -2.52
C CYS B 75 -41.57 1.56 -3.68
N ARG B 76 -42.74 1.01 -3.38
CA ARG B 76 -43.63 0.47 -4.40
C ARG B 76 -45.10 0.79 -4.19
N PRO B 77 -45.88 0.78 -5.29
CA PRO B 77 -47.33 0.99 -5.22
C PRO B 77 -48.04 -0.03 -4.33
N GLN B 78 -48.86 0.45 -3.40
CA GLN B 78 -49.67 -0.43 -2.56
C GLN B 78 -51.11 -0.44 -3.03
N THR B 79 -51.63 0.72 -3.42
CA THR B 79 -52.97 0.82 -3.98
C THR B 79 -52.96 1.76 -5.19
N SER B 80 -53.75 1.43 -6.21
CA SER B 80 -53.80 2.23 -7.43
C SER B 80 -55.12 2.09 -8.18
N LYS B 81 -55.54 3.17 -8.83
CA LYS B 81 -56.71 3.15 -9.70
C LYS B 81 -56.31 2.95 -11.15
N LEU B 82 -56.98 2.04 -11.84
CA LEU B 82 -56.84 1.95 -13.28
C LEU B 82 -57.65 3.09 -13.91
N LYS B 83 -56.98 3.94 -14.67
CA LYS B 83 -57.64 5.06 -15.33
C LYS B 83 -57.51 4.97 -16.84
N ALA B 84 -58.60 5.31 -17.52
CA ALA B 84 -58.62 5.32 -18.98
C ALA B 84 -58.55 6.75 -19.47
N LEU B 85 -57.85 6.98 -20.57
CA LEU B 85 -57.79 8.30 -21.20
C LEU B 85 -57.93 8.17 -22.70
N ARG B 86 -58.82 8.98 -23.27
CA ARG B 86 -59.03 8.97 -24.71
C ARG B 86 -58.22 10.08 -25.38
N LEU B 87 -57.55 9.74 -26.48
CA LEU B 87 -56.74 10.69 -27.24
C LEU B 87 -57.44 11.04 -28.55
N ARG B 88 -57.52 12.33 -28.85
CA ARG B 88 -58.11 12.75 -30.12
C ARG B 88 -57.07 12.61 -31.23
N CYS B 89 -57.38 11.74 -32.19
CA CYS B 89 -56.40 11.26 -33.15
C CYS B 89 -56.83 11.53 -34.60
N SER B 90 -55.83 11.73 -35.46
CA SER B 90 -56.06 12.08 -36.86
C SER B 90 -57.02 11.10 -37.53
N GLY B 91 -58.06 11.64 -38.15
CA GLY B 91 -59.09 10.84 -38.79
C GLY B 91 -60.36 10.80 -37.97
N GLY B 92 -60.41 11.62 -36.92
CA GLY B 92 -61.58 11.71 -36.07
C GLY B 92 -61.67 10.59 -35.06
N MET B 93 -60.66 9.74 -35.02
CA MET B 93 -60.63 8.63 -34.07
C MET B 93 -60.29 9.12 -32.67
N ARG B 94 -60.91 8.49 -31.67
CA ARG B 94 -60.53 8.69 -30.28
C ARG B 94 -59.99 7.38 -29.70
N LEU B 95 -58.67 7.33 -29.53
CA LEU B 95 -57.99 6.15 -29.01
C LEU B 95 -57.87 6.19 -27.50
N THR B 96 -57.96 5.02 -26.88
CA THR B 96 -58.03 4.91 -25.42
C THR B 96 -56.73 4.37 -24.83
N ALA B 97 -56.19 5.10 -23.87
CA ALA B 97 -54.99 4.70 -23.15
C ALA B 97 -55.33 4.30 -21.71
N THR B 98 -54.60 3.33 -21.18
CA THR B 98 -54.77 2.94 -19.78
C THR B 98 -53.48 3.08 -18.99
N TYR B 99 -53.61 3.55 -17.75
CA TYR B 99 -52.49 3.61 -16.82
C TYR B 99 -53.01 3.45 -15.40
N ARG B 100 -52.09 3.22 -14.46
CA ARG B 100 -52.46 3.08 -13.06
C ARG B 100 -52.11 4.32 -12.27
N TYR B 101 -53.13 5.00 -11.76
CA TYR B 101 -52.93 6.15 -10.91
C TYR B 101 -52.63 5.68 -9.49
N ILE B 102 -51.38 5.85 -9.07
CA ILE B 102 -50.96 5.40 -7.74
C ILE B 102 -51.65 6.25 -6.67
N LEU B 103 -52.14 5.57 -5.64
CA LEU B 103 -52.87 6.21 -4.55
C LEU B 103 -52.05 6.21 -3.28
N SER B 104 -51.44 5.05 -3.00
CA SER B 104 -50.60 4.86 -1.83
C SER B 104 -49.38 4.05 -2.24
N CYS B 105 -48.25 4.33 -1.60
CA CYS B 105 -47.02 3.57 -1.82
C CYS B 105 -46.44 3.12 -0.50
N HIS B 106 -45.78 1.97 -0.52
CA HIS B 106 -45.14 1.46 0.68
C HIS B 106 -43.82 0.75 0.34
N CYS B 107 -43.07 0.43 1.38
CA CYS B 107 -41.77 -0.17 1.23
C CYS B 107 -41.91 -1.70 1.30
N GLU B 108 -41.49 -2.36 0.22
CA GLU B 108 -41.78 -3.77 0.01
C GLU B 108 -40.53 -4.57 -0.38
N GLU B 109 -40.51 -5.85 -0.01
CA GLU B 109 -39.37 -6.71 -0.26
C GLU B 109 -39.10 -6.88 -1.76
N CYS B 110 -37.82 -6.71 -2.14
CA CYS B 110 -37.40 -6.70 -3.54
C CYS B 110 -37.94 -7.87 -4.37
N ASN B 111 -37.57 -9.08 -4.01
CA ASN B 111 -38.02 -10.27 -4.74
C ASN B 111 -39.12 -10.99 -3.95
N SER B 112 -40.37 -10.64 -4.28
CA SER B 112 -41.53 -11.20 -3.61
C SER B 112 -41.67 -12.69 -3.86
N ASP C 12 11.83 2.18 21.15
CA ASP C 12 10.95 1.14 20.64
C ASP C 12 10.42 1.51 19.26
N SER C 13 9.87 0.54 18.55
CA SER C 13 9.40 0.75 17.19
C SER C 13 8.33 -0.27 16.79
N ASP C 14 7.57 0.04 15.75
CA ASP C 14 6.49 -0.83 15.29
C ASP C 14 7.06 -2.13 14.71
N PRO C 15 6.72 -3.29 15.31
CA PRO C 15 7.27 -4.56 14.81
C PRO C 15 6.63 -5.06 13.51
N ARG C 16 5.85 -4.20 12.85
CA ARG C 16 5.15 -4.57 11.62
C ARG C 16 5.55 -3.68 10.45
N ARG C 17 6.49 -2.77 10.68
CA ARG C 17 6.92 -1.84 9.64
C ARG C 17 7.72 -2.57 8.57
N CYS C 18 7.96 -1.88 7.44
CA CYS C 18 8.81 -2.43 6.39
C CYS C 18 10.15 -2.82 6.97
N MET C 19 10.45 -4.11 6.90
CA MET C 19 11.62 -4.67 7.57
C MET C 19 12.20 -5.76 6.68
N ARG C 20 13.50 -6.01 6.84
CA ARG C 20 14.12 -7.14 6.15
C ARG C 20 14.02 -8.38 7.02
N HIS C 21 13.68 -9.50 6.39
CA HIS C 21 13.63 -10.79 7.06
C HIS C 21 14.49 -11.78 6.31
N HIS C 22 15.24 -12.60 7.04
CA HIS C 22 16.02 -13.67 6.44
C HIS C 22 15.18 -14.93 6.33
N TYR C 23 15.50 -15.78 5.35
CA TYR C 23 14.88 -17.09 5.26
C TYR C 23 15.71 -17.99 4.34
N VAL C 24 15.40 -19.28 4.37
CA VAL C 24 16.07 -20.26 3.53
C VAL C 24 15.10 -20.84 2.51
N ASP C 25 15.63 -21.17 1.33
CA ASP C 25 14.86 -21.88 0.32
C ASP C 25 15.75 -22.90 -0.37
N SER C 26 15.13 -23.96 -0.89
CA SER C 26 15.86 -24.99 -1.60
C SER C 26 15.79 -24.73 -3.11
N ILE C 27 16.94 -24.48 -3.71
CA ILE C 27 17.00 -24.13 -5.13
C ILE C 27 17.17 -25.38 -5.97
N SER C 28 16.30 -25.55 -6.96
CA SER C 28 16.27 -26.73 -7.79
C SER C 28 15.69 -26.42 -9.15
N HIS C 29 16.45 -26.72 -10.20
CA HIS C 29 16.00 -26.46 -11.57
C HIS C 29 14.68 -27.18 -11.84
N PRO C 30 13.72 -26.51 -12.49
CA PRO C 30 12.42 -27.14 -12.75
C PRO C 30 12.48 -28.29 -13.76
N LEU C 31 13.59 -28.39 -14.47
CA LEU C 31 13.70 -29.28 -15.61
C LEU C 31 14.81 -30.32 -15.45
N TYR C 32 16.00 -29.89 -15.04
CA TYR C 32 17.12 -30.78 -14.94
C TYR C 32 17.19 -31.43 -13.60
N LYS C 33 17.47 -32.72 -13.57
CA LYS C 33 17.61 -33.42 -12.31
C LYS C 33 18.77 -32.81 -11.61
N CYS C 34 18.64 -32.62 -10.32
CA CYS C 34 19.54 -31.73 -9.65
C CYS C 34 19.94 -32.00 -8.24
N SER C 35 21.08 -31.42 -7.91
CA SER C 35 21.69 -31.56 -6.62
C SER C 35 21.27 -30.36 -5.80
N SER C 36 20.01 -30.36 -5.40
CA SER C 36 19.36 -29.17 -4.86
C SER C 36 20.17 -28.60 -3.70
N LYS C 37 20.42 -27.29 -3.75
CA LYS C 37 21.22 -26.61 -2.74
C LYS C 37 20.35 -25.66 -1.94
N MET C 38 20.60 -25.58 -0.63
CA MET C 38 19.88 -24.68 0.25
C MET C 38 20.67 -23.39 0.42
N VAL C 39 19.97 -22.25 0.34
CA VAL C 39 20.61 -20.95 0.36
C VAL C 39 19.91 -19.99 1.30
N LEU C 40 20.66 -19.05 1.84
CA LEU C 40 20.12 -17.97 2.66
C LEU C 40 19.69 -16.81 1.77
N LEU C 41 18.44 -16.37 1.95
CA LEU C 41 17.92 -15.23 1.22
C LEU C 41 17.31 -14.22 2.20
N ALA C 42 17.10 -13.01 1.71
CA ALA C 42 16.38 -11.98 2.48
C ALA C 42 15.19 -11.49 1.66
N ARG C 43 14.13 -11.07 2.37
CA ARG C 43 12.97 -10.47 1.72
C ARG C 43 12.53 -9.21 2.45
N CYS C 44 11.91 -8.29 1.73
CA CYS C 44 11.29 -7.13 2.36
C CYS C 44 9.85 -7.48 2.69
N GLU C 45 9.42 -7.09 3.89
CA GLU C 45 8.04 -7.31 4.28
C GLU C 45 7.63 -6.40 5.42
N GLY C 46 6.37 -5.95 5.38
CA GLY C 46 5.82 -5.15 6.44
C GLY C 46 4.63 -4.32 6.00
N HIS C 47 4.18 -3.46 6.92
CA HIS C 47 3.11 -2.52 6.66
C HIS C 47 3.66 -1.11 6.75
N CYS C 48 3.88 -0.48 5.61
CA CYS C 48 4.42 0.87 5.58
C CYS C 48 3.44 1.82 6.27
N SER C 49 3.97 2.93 6.77
CA SER C 49 3.20 3.80 7.67
C SER C 49 2.24 4.70 6.91
N GLN C 50 2.62 5.14 5.71
CA GLN C 50 1.80 6.08 4.97
C GLN C 50 0.54 5.41 4.44
N ALA C 51 -0.58 6.12 4.54
CA ALA C 51 -1.82 5.66 3.95
C ALA C 51 -1.70 5.74 2.44
N SER C 52 -2.40 4.86 1.73
CA SER C 52 -2.52 4.97 0.28
C SER C 52 -3.77 5.77 -0.03
N ARG C 53 -3.76 6.49 -1.14
CA ARG C 53 -4.92 7.31 -1.51
C ARG C 53 -5.03 7.52 -3.00
N SER C 54 -6.23 7.88 -3.45
CA SER C 54 -6.47 8.16 -4.86
C SER C 54 -7.46 9.31 -5.00
N GLU C 55 -7.02 10.39 -5.63
CA GLU C 55 -7.86 11.55 -5.87
C GLU C 55 -8.19 11.66 -7.35
N PRO C 56 -9.34 12.27 -7.68
CA PRO C 56 -9.64 12.51 -9.10
C PRO C 56 -8.84 13.67 -9.67
N LEU C 57 -8.39 13.54 -10.90
CA LEU C 57 -7.75 14.64 -11.62
C LEU C 57 -8.81 15.37 -12.44
N VAL C 58 -8.69 16.70 -12.48
CA VAL C 58 -9.64 17.52 -13.24
C VAL C 58 -9.01 17.90 -14.57
N SER C 59 -9.73 17.64 -15.65
CA SER C 59 -9.32 18.05 -16.98
C SER C 59 -10.39 18.95 -17.60
N PHE C 60 -9.97 19.84 -18.45
CA PHE C 60 -10.89 20.73 -19.08
C PHE C 60 -11.04 20.46 -20.53
N SER C 61 -10.37 19.45 -21.02
CA SER C 61 -10.47 19.13 -22.42
C SER C 61 -10.77 17.68 -22.63
N THR C 62 -9.72 16.90 -22.65
CA THR C 62 -9.79 15.50 -22.98
C THR C 62 -10.36 14.68 -21.90
N VAL C 63 -10.72 13.47 -22.26
CA VAL C 63 -10.94 12.47 -21.28
C VAL C 63 -9.57 11.89 -20.96
N LEU C 64 -9.23 11.94 -19.70
CA LEU C 64 -7.91 11.47 -19.28
C LEU C 64 -7.84 9.95 -19.32
N LYS C 65 -6.75 9.44 -19.87
CA LYS C 65 -6.47 8.02 -19.80
C LYS C 65 -6.28 7.62 -18.34
N GLN C 66 -5.61 8.50 -17.60
CA GLN C 66 -5.44 8.33 -16.16
C GLN C 66 -6.25 9.38 -15.40
N PRO C 67 -7.43 9.00 -14.87
CA PRO C 67 -8.27 10.00 -14.20
C PRO C 67 -7.85 10.30 -12.77
N PHE C 68 -6.88 9.59 -12.23
CA PHE C 68 -6.56 9.68 -10.80
C PHE C 68 -5.10 9.98 -10.47
N ARG C 69 -4.91 10.86 -9.49
CA ARG C 69 -3.62 11.06 -8.84
C ARG C 69 -3.62 10.21 -7.59
N SER C 70 -2.58 9.40 -7.40
CA SER C 70 -2.55 8.48 -6.28
C SER C 70 -1.17 8.33 -5.66
N SER C 71 -1.17 7.88 -4.42
CA SER C 71 0.06 7.57 -3.69
C SER C 71 -0.14 6.25 -2.97
N CYS C 72 0.86 5.38 -3.04
CA CYS C 72 0.82 4.10 -2.33
C CYS C 72 2.23 3.60 -2.08
N HIS C 73 2.53 3.30 -0.81
CA HIS C 73 3.87 2.86 -0.42
C HIS C 73 3.96 1.35 -0.23
N CYS C 74 4.93 0.75 -0.91
CA CYS C 74 5.12 -0.69 -0.91
C CYS C 74 6.48 -1.04 -0.34
N CYS C 75 6.51 -2.05 0.53
CA CYS C 75 7.76 -2.48 1.14
C CYS C 75 8.65 -3.16 0.10
N ARG C 76 9.77 -2.51 -0.25
CA ARG C 76 10.61 -2.96 -1.35
C ARG C 76 12.11 -2.91 -1.02
N PRO C 77 12.93 -3.61 -1.82
CA PRO C 77 14.39 -3.54 -1.69
C PRO C 77 14.91 -2.14 -2.01
N GLN C 78 15.71 -1.56 -1.12
CA GLN C 78 16.32 -0.27 -1.36
C GLN C 78 17.71 -0.47 -1.96
N THR C 79 18.42 -1.46 -1.43
CA THR C 79 19.75 -1.78 -1.93
C THR C 79 19.94 -3.30 -1.86
N SER C 80 20.62 -3.84 -2.86
CA SER C 80 20.80 -5.29 -2.96
C SER C 80 22.12 -5.63 -3.64
N LYS C 81 22.41 -6.92 -3.71
CA LYS C 81 23.67 -7.41 -4.24
C LYS C 81 23.41 -8.63 -5.12
N LEU C 82 24.02 -8.65 -6.31
CA LEU C 82 23.87 -9.79 -7.19
C LEU C 82 24.68 -10.95 -6.61
N LYS C 83 24.14 -12.16 -6.72
CA LYS C 83 24.83 -13.35 -6.25
C LYS C 83 24.61 -14.51 -7.20
N ALA C 84 25.59 -15.40 -7.23
CA ALA C 84 25.53 -16.59 -8.06
C ALA C 84 25.71 -17.83 -7.21
N LEU C 85 25.03 -18.90 -7.59
CA LEU C 85 25.15 -20.18 -6.93
C LEU C 85 25.25 -21.25 -8.01
N ARG C 86 26.22 -22.14 -7.87
CA ARG C 86 26.42 -23.20 -8.85
C ARG C 86 25.92 -24.54 -8.34
N LEU C 87 25.15 -25.18 -9.20
CA LEU C 87 24.56 -26.47 -8.94
C LEU C 87 25.19 -27.57 -9.78
N ARG C 88 25.58 -28.66 -9.14
CA ARG C 88 26.14 -29.79 -9.85
C ARG C 88 24.97 -30.58 -10.32
N CYS C 89 24.26 -30.02 -11.26
CA CYS C 89 22.91 -30.45 -11.46
C CYS C 89 22.85 -31.87 -11.86
N SER C 90 23.69 -32.26 -12.79
CA SER C 90 23.85 -33.68 -13.05
C SER C 90 25.26 -33.90 -13.37
N GLY C 91 25.61 -35.13 -13.66
CA GLY C 91 26.98 -35.37 -14.02
C GLY C 91 27.26 -34.69 -15.32
N GLY C 92 28.37 -33.97 -15.34
CA GLY C 92 28.84 -33.28 -16.52
C GLY C 92 28.18 -31.95 -16.77
N MET C 93 27.20 -31.62 -15.95
CA MET C 93 26.64 -30.28 -16.00
C MET C 93 26.55 -29.68 -14.62
N ARG C 94 27.37 -28.66 -14.41
CA ARG C 94 27.34 -27.85 -13.21
C ARG C 94 26.77 -26.48 -13.62
N LEU C 95 25.64 -26.09 -13.06
CA LEU C 95 24.95 -24.90 -13.53
C LEU C 95 25.10 -23.74 -12.62
N THR C 96 24.73 -22.56 -13.09
CA THR C 96 24.79 -21.44 -12.15
C THR C 96 23.42 -20.78 -12.08
N ALA C 97 23.00 -20.45 -10.86
CA ALA C 97 21.73 -19.74 -10.63
C ALA C 97 22.05 -18.35 -10.14
N THR C 98 21.26 -17.38 -10.56
CA THR C 98 21.49 -15.98 -10.19
C THR C 98 20.28 -15.42 -9.46
N TYR C 99 20.56 -14.61 -8.43
CA TYR C 99 19.52 -13.97 -7.65
C TYR C 99 20.10 -12.73 -6.98
N ARG C 100 19.22 -11.85 -6.49
CA ARG C 100 19.66 -10.66 -5.78
C ARG C 100 19.42 -10.80 -4.29
N TYR C 101 20.50 -10.63 -3.53
CA TYR C 101 20.44 -10.70 -2.08
C TYR C 101 20.13 -9.31 -1.52
N ILE C 102 18.96 -9.17 -0.93
CA ILE C 102 18.52 -7.87 -0.41
C ILE C 102 19.29 -7.52 0.84
N LEU C 103 19.88 -6.33 0.85
CA LEU C 103 20.67 -5.86 1.98
C LEU C 103 19.85 -4.99 2.91
N SER C 104 19.04 -4.12 2.33
CA SER C 104 18.19 -3.22 3.10
C SER C 104 16.80 -3.10 2.49
N CYS C 105 15.86 -2.58 3.28
CA CYS C 105 14.46 -2.49 2.87
C CYS C 105 13.89 -1.12 3.17
N HIS C 106 13.06 -0.61 2.27
CA HIS C 106 12.33 0.63 2.51
C HIS C 106 11.01 0.66 1.78
N CYS C 107 10.17 1.61 2.15
CA CYS C 107 8.87 1.79 1.52
C CYS C 107 8.92 2.88 0.45
N GLU C 108 8.57 2.50 -0.77
CA GLU C 108 8.59 3.41 -1.90
C GLU C 108 7.28 3.37 -2.67
N GLU C 109 7.14 4.30 -3.61
CA GLU C 109 5.89 4.46 -4.34
C GLU C 109 5.60 3.29 -5.28
N CYS C 110 4.32 2.98 -5.40
CA CYS C 110 3.83 1.91 -6.28
C CYS C 110 4.32 2.06 -7.72
N ASN C 111 4.22 3.27 -8.25
CA ASN C 111 4.48 3.50 -9.67
C ASN C 111 5.97 3.46 -10.02
N SER C 112 6.82 3.98 -9.14
CA SER C 112 8.25 4.09 -9.41
C SER C 112 8.87 2.71 -9.66
N GLY C 113 9.31 2.47 -10.88
CA GLY C 113 9.84 1.18 -11.27
C GLY C 113 11.29 0.96 -10.87
N THR C 114 11.90 -0.07 -11.45
CA THR C 114 13.26 -0.46 -11.08
C THR C 114 14.05 -0.87 -12.31
N MET D 11 -11.17 -4.45 13.77
CA MET D 11 -10.70 -4.06 12.45
C MET D 11 -11.83 -3.41 11.66
N ASP D 12 -13.03 -3.96 11.81
CA ASP D 12 -14.20 -3.49 11.07
C ASP D 12 -14.55 -2.05 11.45
N SER D 13 -14.16 -1.65 12.66
CA SER D 13 -14.49 -0.33 13.17
C SER D 13 -13.34 0.67 12.99
N ASP D 14 -12.17 0.18 12.56
CA ASP D 14 -10.99 1.02 12.44
C ASP D 14 -11.18 2.14 11.43
N PRO D 15 -11.20 3.41 11.90
CA PRO D 15 -11.41 4.54 10.98
C PRO D 15 -10.32 4.69 9.91
N ARG D 16 -9.21 3.99 10.07
CA ARG D 16 -8.06 4.15 9.20
C ARG D 16 -8.07 3.24 8.00
N ARG D 17 -8.96 2.25 8.00
CA ARG D 17 -9.04 1.27 6.93
C ARG D 17 -9.39 1.95 5.61
N CYS D 18 -9.09 1.27 4.51
CA CYS D 18 -9.41 1.77 3.17
C CYS D 18 -10.88 2.15 3.08
N MET D 19 -11.13 3.42 2.77
CA MET D 19 -12.49 3.94 2.76
C MET D 19 -12.66 5.06 1.74
N ARG D 20 -13.91 5.30 1.36
CA ARG D 20 -14.27 6.43 0.53
C ARG D 20 -14.48 7.65 1.40
N HIS D 21 -13.87 8.77 1.01
CA HIS D 21 -13.95 10.01 1.76
C HIS D 21 -14.41 11.13 0.86
N HIS D 22 -15.17 12.07 1.42
CA HIS D 22 -15.61 13.25 0.68
C HIS D 22 -14.78 14.45 1.08
N TYR D 23 -14.56 15.35 0.12
CA TYR D 23 -13.85 16.59 0.40
C TYR D 23 -14.24 17.68 -0.60
N VAL D 24 -14.24 18.92 -0.13
CA VAL D 24 -14.62 20.06 -0.96
C VAL D 24 -13.36 20.72 -1.51
N ASP D 25 -13.21 20.66 -2.83
CA ASP D 25 -12.05 21.23 -3.50
C ASP D 25 -12.47 22.46 -4.30
N SER D 26 -11.50 23.33 -4.58
CA SER D 26 -11.74 24.55 -5.35
C SER D 26 -11.17 24.40 -6.75
N ILE D 27 -12.04 24.42 -7.76
CA ILE D 27 -11.62 24.22 -9.14
C ILE D 27 -11.44 25.55 -9.86
N SER D 28 -10.28 25.71 -10.48
CA SER D 28 -9.96 26.89 -11.26
C SER D 28 -9.24 26.46 -12.54
N HIS D 29 -9.42 27.24 -13.61
CA HIS D 29 -8.76 26.95 -14.88
C HIS D 29 -7.30 27.40 -14.82
N PRO D 30 -6.37 26.62 -15.40
CA PRO D 30 -4.97 27.03 -15.36
C PRO D 30 -4.62 28.11 -16.37
N LEU D 31 -5.59 28.52 -17.18
CA LEU D 31 -5.35 29.45 -18.28
C LEU D 31 -6.24 30.68 -18.21
N TYR D 32 -7.51 30.48 -17.89
CA TYR D 32 -8.49 31.55 -17.94
C TYR D 32 -8.90 32.05 -16.56
N LYS D 33 -9.39 33.28 -16.54
CA LYS D 33 -9.95 33.88 -15.34
C LYS D 33 -11.43 33.52 -15.27
N CYS D 34 -11.78 32.67 -14.31
CA CYS D 34 -13.12 32.12 -14.21
C CYS D 34 -13.68 32.27 -12.81
N SER D 35 -15.00 32.35 -12.71
CA SER D 35 -15.67 32.32 -11.42
C SER D 35 -15.40 30.97 -10.78
N SER D 36 -14.37 30.91 -9.93
CA SER D 36 -13.97 29.65 -9.30
C SER D 36 -15.12 29.07 -8.50
N LYS D 37 -15.19 27.74 -8.47
CA LYS D 37 -16.31 27.05 -7.85
C LYS D 37 -15.86 26.13 -6.72
N MET D 38 -16.79 25.90 -5.78
CA MET D 38 -16.61 24.92 -4.73
C MET D 38 -17.40 23.68 -5.10
N VAL D 39 -16.76 22.52 -5.01
CA VAL D 39 -17.43 21.26 -5.35
C VAL D 39 -17.00 20.13 -4.44
N LEU D 40 -17.95 19.28 -4.10
CA LEU D 40 -17.73 18.13 -3.24
C LEU D 40 -17.25 16.94 -4.06
N LEU D 41 -16.01 16.53 -3.81
CA LEU D 41 -15.43 15.38 -4.51
C LEU D 41 -15.22 14.22 -3.54
N ALA D 42 -15.02 13.02 -4.10
CA ALA D 42 -14.75 11.84 -3.30
C ALA D 42 -13.32 11.37 -3.54
N ARG D 43 -12.67 10.88 -2.49
CA ARG D 43 -11.34 10.29 -2.61
C ARG D 43 -11.27 8.95 -1.90
N CYS D 44 -10.33 8.13 -2.32
CA CYS D 44 -9.99 6.90 -1.65
C CYS D 44 -8.83 7.17 -0.71
N GLU D 45 -8.93 6.71 0.53
CA GLU D 45 -7.80 6.81 1.44
C GLU D 45 -7.94 5.87 2.63
N GLY D 46 -6.82 5.31 3.07
CA GLY D 46 -6.78 4.45 4.24
C GLY D 46 -5.58 3.52 4.21
N HIS D 47 -5.48 2.65 5.21
CA HIS D 47 -4.42 1.66 5.28
C HIS D 47 -4.93 0.28 4.90
N CYS D 48 -4.41 -0.27 3.82
CA CYS D 48 -4.72 -1.62 3.42
C CYS D 48 -4.21 -2.61 4.44
N SER D 49 -5.02 -3.62 4.75
CA SER D 49 -4.69 -4.57 5.80
C SER D 49 -3.60 -5.55 5.37
N GLN D 50 -3.43 -5.73 4.07
CA GLN D 50 -2.41 -6.65 3.56
C GLN D 50 -1.01 -6.06 3.72
N ALA D 51 -0.11 -6.85 4.28
CA ALA D 51 1.31 -6.50 4.29
C ALA D 51 1.82 -6.50 2.86
N SER D 52 2.74 -5.60 2.57
CA SER D 52 3.44 -5.61 1.29
C SER D 52 4.71 -6.43 1.46
N ARG D 53 5.24 -6.96 0.37
CA ARG D 53 6.44 -7.77 0.43
C ARG D 53 7.14 -7.83 -0.92
N SER D 54 8.45 -8.10 -0.88
CA SER D 54 9.22 -8.32 -2.10
C SER D 54 10.20 -9.46 -1.88
N GLU D 55 10.14 -10.45 -2.75
CA GLU D 55 11.00 -11.63 -2.66
C GLU D 55 11.94 -11.69 -3.85
N PRO D 56 13.19 -12.13 -3.62
CA PRO D 56 14.10 -12.32 -4.75
C PRO D 56 13.62 -13.45 -5.65
N LEU D 57 13.81 -13.29 -6.97
CA LEU D 57 13.39 -14.29 -7.94
C LEU D 57 14.63 -14.98 -8.52
N VAL D 58 14.66 -16.30 -8.45
CA VAL D 58 15.83 -17.07 -8.85
C VAL D 58 15.73 -17.48 -10.32
N SER D 59 16.71 -17.05 -11.11
CA SER D 59 16.81 -17.41 -12.51
C SER D 59 18.14 -18.09 -12.78
N PHE D 60 18.14 -19.05 -13.69
CA PHE D 60 19.35 -19.78 -14.05
C PHE D 60 20.03 -19.13 -15.25
N SER D 61 19.33 -18.20 -15.89
CA SER D 61 19.96 -17.32 -16.85
C SER D 61 21.08 -16.55 -16.18
N THR D 62 22.17 -16.35 -16.90
CA THR D 62 23.28 -15.55 -16.41
C THR D 62 22.84 -14.11 -16.15
N VAL D 63 21.71 -13.72 -16.72
CA VAL D 63 21.18 -12.36 -16.60
C VAL D 63 19.83 -12.36 -15.89
N LEU D 64 19.57 -11.31 -15.13
CA LEU D 64 18.42 -11.24 -14.23
C LEU D 64 17.58 -9.99 -14.53
N LYS D 65 16.54 -10.17 -15.33
CA LYS D 65 15.74 -9.03 -15.80
C LYS D 65 14.59 -8.67 -14.87
N GLN D 66 13.93 -9.68 -14.31
CA GLN D 66 12.95 -9.46 -13.24
C GLN D 66 13.50 -10.04 -11.94
N PRO D 67 14.26 -9.23 -11.18
CA PRO D 67 14.94 -9.75 -9.99
C PRO D 67 14.01 -10.08 -8.83
N PHE D 68 12.87 -9.39 -8.72
CA PHE D 68 12.01 -9.57 -7.56
C PHE D 68 10.56 -9.92 -7.89
N ARG D 69 9.93 -10.59 -6.92
CA ARG D 69 8.52 -10.91 -6.95
C ARG D 69 7.89 -10.22 -5.76
N SER D 70 6.80 -9.48 -5.98
CA SER D 70 6.29 -8.62 -4.94
C SER D 70 4.77 -8.48 -4.93
N SER D 71 4.27 -8.04 -3.79
CA SER D 71 2.85 -7.75 -3.60
C SER D 71 2.69 -6.51 -2.75
N CYS D 72 1.76 -5.64 -3.17
CA CYS D 72 1.45 -4.43 -2.41
C CYS D 72 0.03 -3.96 -2.72
N HIS D 73 -0.78 -3.83 -1.69
CA HIS D 73 -2.18 -3.44 -1.86
C HIS D 73 -2.35 -1.94 -1.66
N CYS D 74 -3.19 -1.34 -2.49
CA CYS D 74 -3.40 0.10 -2.47
C CYS D 74 -4.89 0.43 -2.43
N CYS D 75 -5.22 1.50 -1.71
CA CYS D 75 -6.60 1.93 -1.58
C CYS D 75 -6.97 2.69 -2.85
N ARG D 76 -7.91 2.14 -3.61
CA ARG D 76 -8.20 2.66 -4.94
C ARG D 76 -9.69 2.67 -5.25
N PRO D 77 -10.10 3.49 -6.24
CA PRO D 77 -11.50 3.50 -6.68
C PRO D 77 -11.91 2.16 -7.28
N GLN D 78 -12.99 1.58 -6.76
CA GLN D 78 -13.52 0.34 -7.33
C GLN D 78 -14.52 0.67 -8.43
N THR D 79 -15.33 1.70 -8.18
CA THR D 79 -16.28 2.21 -9.17
C THR D 79 -16.28 3.74 -9.19
N SER D 80 -16.50 4.30 -10.36
CA SER D 80 -16.57 5.74 -10.53
C SER D 80 -17.39 6.09 -11.76
N LYS D 81 -17.87 7.33 -11.82
CA LYS D 81 -18.58 7.82 -13.00
C LYS D 81 -18.13 9.24 -13.32
N LEU D 82 -18.08 9.55 -14.61
CA LEU D 82 -17.67 10.86 -15.07
C LEU D 82 -18.73 11.90 -14.70
N LYS D 83 -18.29 12.98 -14.05
CA LYS D 83 -19.15 14.13 -13.76
C LYS D 83 -18.58 15.36 -14.45
N ALA D 84 -19.42 16.38 -14.61
CA ALA D 84 -19.03 17.61 -15.28
C ALA D 84 -19.37 18.81 -14.39
N LEU D 85 -18.54 19.83 -14.45
CA LEU D 85 -18.76 21.04 -13.66
C LEU D 85 -18.56 22.29 -14.51
N ARG D 86 -19.52 23.21 -14.43
CA ARG D 86 -19.51 24.44 -15.20
C ARG D 86 -18.74 25.55 -14.49
N LEU D 87 -17.78 26.13 -15.20
CA LEU D 87 -17.16 27.40 -14.80
C LEU D 87 -17.54 28.46 -15.82
N ARG D 88 -18.09 29.57 -15.35
CA ARG D 88 -18.35 30.71 -16.23
C ARG D 88 -17.19 31.69 -16.13
N CYS D 89 -16.57 31.98 -17.28
CA CYS D 89 -15.39 32.84 -17.32
C CYS D 89 -15.75 34.23 -17.81
N SER D 90 -14.74 35.08 -17.95
CA SER D 90 -14.93 36.52 -18.10
C SER D 90 -15.90 36.93 -19.22
N GLY D 91 -15.64 36.48 -20.44
CA GLY D 91 -16.39 36.95 -21.60
C GLY D 91 -17.71 36.23 -21.83
N GLY D 92 -18.33 35.76 -20.76
CA GLY D 92 -19.53 34.96 -20.88
C GLY D 92 -19.20 33.56 -21.37
N MET D 93 -17.91 33.26 -21.41
CA MET D 93 -17.45 31.97 -21.89
C MET D 93 -17.81 30.91 -20.89
N ARG D 94 -18.47 29.87 -21.37
CA ARG D 94 -18.85 28.71 -20.56
C ARG D 94 -17.82 27.60 -20.70
N LEU D 95 -17.20 27.22 -19.58
CA LEU D 95 -16.22 26.14 -19.58
C LEU D 95 -16.65 24.99 -18.68
N THR D 96 -16.20 23.80 -19.05
CA THR D 96 -16.57 22.59 -18.34
C THR D 96 -15.34 21.89 -17.78
N ALA D 97 -15.40 21.55 -16.51
CA ALA D 97 -14.38 20.72 -15.87
C ALA D 97 -14.90 19.29 -15.80
N THR D 98 -14.13 18.34 -16.33
CA THR D 98 -14.50 16.93 -16.27
C THR D 98 -13.67 16.24 -15.19
N TYR D 99 -14.32 15.40 -14.40
CA TYR D 99 -13.66 14.67 -13.33
C TYR D 99 -14.44 13.39 -13.05
N ARG D 100 -13.75 12.40 -12.49
CA ARG D 100 -14.40 11.14 -12.15
C ARG D 100 -14.78 11.10 -10.67
N TYR D 101 -16.08 10.97 -10.42
CA TYR D 101 -16.61 10.92 -9.08
C TYR D 101 -16.52 9.48 -8.57
N ILE D 102 -15.78 9.30 -7.48
CA ILE D 102 -15.52 7.97 -6.94
C ILE D 102 -16.70 7.49 -6.10
N LEU D 103 -17.21 6.31 -6.44
CA LEU D 103 -18.43 5.79 -5.84
C LEU D 103 -18.13 4.76 -4.75
N SER D 104 -17.09 3.97 -4.95
CA SER D 104 -16.65 3.02 -3.93
C SER D 104 -15.14 2.80 -3.98
N CYS D 105 -14.60 2.30 -2.87
CA CYS D 105 -13.17 2.10 -2.73
C CYS D 105 -12.87 0.67 -2.28
N HIS D 106 -11.76 0.12 -2.78
CA HIS D 106 -11.30 -1.18 -2.33
C HIS D 106 -9.79 -1.23 -2.39
N CYS D 107 -9.20 -2.23 -1.74
CA CYS D 107 -7.77 -2.44 -1.80
C CYS D 107 -7.42 -3.42 -2.91
N GLU D 108 -6.46 -3.04 -3.75
CA GLU D 108 -6.04 -3.88 -4.86
C GLU D 108 -4.53 -3.81 -5.06
N GLU D 109 -3.98 -4.82 -5.72
CA GLU D 109 -2.56 -4.91 -5.96
C GLU D 109 -2.00 -3.71 -6.72
N CYS D 110 -0.80 -3.29 -6.35
CA CYS D 110 -0.11 -2.18 -6.99
C CYS D 110 -0.06 -2.33 -8.51
N ASN D 111 0.44 -3.47 -8.97
CA ASN D 111 0.56 -3.74 -10.40
C ASN D 111 -0.62 -4.55 -10.93
N SER D 112 -1.53 -3.88 -11.62
CA SER D 112 -2.71 -4.54 -12.18
C SER D 112 -3.39 -3.66 -13.23
N SER E 13 17.05 -11.47 13.24
CA SER E 13 15.91 -10.84 13.87
C SER E 13 16.16 -10.52 15.34
N ASP E 14 17.43 -10.40 15.71
CA ASP E 14 17.83 -10.07 17.08
C ASP E 14 17.40 -8.65 17.46
N PRO E 15 16.96 -8.40 18.71
CA PRO E 15 16.56 -7.03 19.03
C PRO E 15 17.72 -6.10 19.38
N ARG E 16 18.95 -6.54 19.14
CA ARG E 16 20.12 -5.68 19.32
C ARG E 16 20.83 -5.48 17.98
N ARG E 17 20.14 -5.82 16.89
CA ARG E 17 20.61 -5.50 15.56
C ARG E 17 20.41 -4.01 15.33
N CYS E 18 21.02 -3.48 14.28
CA CYS E 18 20.83 -2.09 13.92
C CYS E 18 19.37 -1.79 13.63
N MET E 19 18.73 -1.05 14.54
CA MET E 19 17.32 -0.70 14.42
C MET E 19 17.12 0.79 14.62
N ARG E 20 15.99 1.30 14.12
CA ARG E 20 15.58 2.67 14.43
C ARG E 20 14.74 2.65 15.69
N HIS E 21 14.91 3.67 16.52
CA HIS E 21 14.17 3.79 17.77
C HIS E 21 13.54 5.17 17.87
N HIS E 22 12.31 5.22 18.35
CA HIS E 22 11.58 6.47 18.50
C HIS E 22 11.64 6.97 19.94
N TYR E 23 11.75 8.28 20.08
CA TYR E 23 11.73 8.91 21.40
C TYR E 23 11.25 10.35 21.27
N VAL E 24 10.68 10.89 22.35
CA VAL E 24 10.26 12.27 22.38
C VAL E 24 11.18 13.05 23.31
N ASP E 25 11.60 14.23 22.87
CA ASP E 25 12.48 15.08 23.67
C ASP E 25 11.86 16.46 23.83
N SER E 26 12.05 17.06 25.00
CA SER E 26 11.61 18.43 25.25
C SER E 26 12.72 19.40 24.85
N ILE E 27 12.42 20.25 23.88
CA ILE E 27 13.41 21.17 23.35
C ILE E 27 13.31 22.53 24.02
N SER E 28 14.45 23.02 24.49
CA SER E 28 14.59 24.37 25.00
C SER E 28 15.73 25.02 24.24
N HIS E 29 15.77 26.35 24.23
CA HIS E 29 16.93 27.05 23.68
C HIS E 29 18.11 26.76 24.62
N PRO E 30 19.34 27.12 24.21
CA PRO E 30 20.38 27.13 25.25
C PRO E 30 20.57 28.50 25.92
N LEU E 31 19.91 29.54 25.41
CA LEU E 31 20.17 30.92 25.86
C LEU E 31 18.90 31.63 26.32
N TYR E 32 17.89 31.67 25.46
CA TYR E 32 16.67 32.43 25.73
C TYR E 32 15.62 31.60 26.47
N LYS E 33 14.88 32.25 27.35
CA LYS E 33 13.72 31.62 27.96
C LYS E 33 12.70 31.34 26.87
N CYS E 34 12.26 30.08 26.78
CA CYS E 34 11.29 29.71 25.76
C CYS E 34 10.31 28.66 26.25
N SER E 35 9.08 28.76 25.77
CA SER E 35 8.07 27.76 26.06
C SER E 35 8.52 26.45 25.42
N SER E 36 8.99 25.52 26.26
CA SER E 36 9.57 24.27 25.78
C SER E 36 8.60 23.50 24.89
N LYS E 37 9.13 22.85 23.86
CA LYS E 37 8.33 22.09 22.91
C LYS E 37 8.73 20.63 22.94
N MET E 38 7.73 19.75 22.79
CA MET E 38 7.97 18.32 22.72
C MET E 38 7.90 17.85 21.27
N VAL E 39 9.00 17.28 20.80
CA VAL E 39 9.12 16.85 19.41
C VAL E 39 9.39 15.35 19.34
N LEU E 40 8.84 14.71 18.31
CA LEU E 40 9.13 13.31 18.05
C LEU E 40 10.43 13.19 17.29
N LEU E 41 11.38 12.43 17.84
CA LEU E 41 12.66 12.20 17.20
C LEU E 41 12.90 10.72 16.97
N ALA E 42 13.86 10.43 16.08
CA ALA E 42 14.29 9.08 15.81
C ALA E 42 15.79 9.02 15.98
N ARG E 43 16.27 7.90 16.49
CA ARG E 43 17.69 7.63 16.57
C ARG E 43 17.88 6.21 16.10
N CYS E 44 19.13 5.84 15.91
CA CYS E 44 19.43 4.47 15.50
C CYS E 44 20.55 3.91 16.32
N GLU E 45 20.36 2.65 16.70
CA GLU E 45 21.23 1.99 17.66
C GLU E 45 21.18 0.49 17.43
N GLY E 46 22.29 -0.17 17.68
CA GLY E 46 22.34 -1.62 17.60
C GLY E 46 23.74 -2.14 17.37
N HIS E 47 23.85 -3.45 17.29
CA HIS E 47 25.09 -4.11 16.96
C HIS E 47 25.06 -4.51 15.50
N CYS E 48 26.12 -4.17 14.79
CA CYS E 48 26.27 -4.58 13.41
C CYS E 48 27.34 -5.65 13.32
N SER E 49 27.03 -6.69 12.55
CA SER E 49 27.74 -7.96 12.64
C SER E 49 29.00 -8.02 11.81
N GLN E 50 29.24 -6.99 11.00
CA GLN E 50 30.42 -6.96 10.15
C GLN E 50 31.65 -6.71 11.00
N ALA E 51 32.66 -7.55 10.84
CA ALA E 51 33.92 -7.38 11.55
C ALA E 51 34.60 -6.11 11.06
N SER E 52 35.22 -5.39 11.98
CA SER E 52 36.02 -4.23 11.63
C SER E 52 37.46 -4.66 11.40
N ARG E 53 38.21 -3.89 10.62
CA ARG E 53 39.60 -4.23 10.33
C ARG E 53 40.40 -3.00 9.92
N SER E 54 41.72 -3.11 10.05
CA SER E 54 42.62 -2.03 9.67
C SER E 54 43.98 -2.58 9.26
N GLU E 55 44.42 -2.20 8.06
CA GLU E 55 45.70 -2.63 7.52
C GLU E 55 46.62 -1.44 7.35
N PRO E 56 47.95 -1.67 7.42
CA PRO E 56 48.87 -0.58 7.07
C PRO E 56 48.82 -0.27 5.58
N LEU E 57 49.10 0.98 5.22
CA LEU E 57 49.22 1.39 3.83
C LEU E 57 50.65 1.79 3.50
N VAL E 58 51.17 1.28 2.38
CA VAL E 58 52.53 1.61 1.96
C VAL E 58 52.52 2.91 1.16
N SER E 59 53.44 3.81 1.50
CA SER E 59 53.59 5.08 0.79
C SER E 59 55.04 5.30 0.39
N PHE E 60 55.30 5.24 -0.91
CA PHE E 60 56.60 5.59 -1.45
C PHE E 60 56.90 7.05 -1.33
N SER E 61 55.92 7.88 -1.61
CA SER E 61 56.11 9.31 -1.46
C SER E 61 54.92 9.99 -0.79
N THR E 62 55.16 10.66 0.32
CA THR E 62 56.20 10.28 1.22
C THR E 62 55.76 10.53 2.65
N VAL E 63 54.48 10.81 2.82
CA VAL E 63 54.00 11.53 3.98
C VAL E 63 53.00 10.84 4.86
N LEU E 64 51.88 10.51 4.26
CA LEU E 64 50.56 10.87 4.71
C LEU E 64 50.10 10.22 5.97
N LYS E 65 49.15 10.90 6.62
CA LYS E 65 48.29 10.31 7.60
C LYS E 65 47.28 9.52 6.78
N GLN E 66 46.37 8.82 7.42
CA GLN E 66 45.76 7.69 6.79
C GLN E 66 46.85 6.73 6.40
N PRO E 67 47.65 6.40 7.39
CA PRO E 67 48.61 5.33 7.18
C PRO E 67 47.97 3.97 7.20
N PHE E 68 46.69 3.92 7.54
CA PHE E 68 45.99 2.68 7.63
C PHE E 68 44.77 2.66 6.70
N ARG E 69 44.44 1.49 6.18
CA ARG E 69 43.24 1.29 5.38
C ARG E 69 42.28 0.44 6.18
N SER E 70 41.08 0.94 6.42
CA SER E 70 40.17 0.31 7.38
C SER E 70 38.75 0.15 6.86
N SER E 71 38.02 -0.72 7.53
CA SER E 71 36.60 -0.95 7.28
C SER E 71 35.91 -1.20 8.62
N CYS E 72 34.86 -0.43 8.90
CA CYS E 72 34.13 -0.57 10.14
C CYS E 72 32.67 -0.19 9.94
N HIS E 73 31.76 -1.09 10.31
CA HIS E 73 30.34 -0.87 10.11
C HIS E 73 29.68 -0.31 11.36
N CYS E 74 28.93 0.77 11.18
CA CYS E 74 28.29 1.49 12.28
C CYS E 74 26.81 1.70 11.99
N CYS E 75 25.98 1.49 13.00
CA CYS E 75 24.55 1.71 12.86
C CYS E 75 24.28 3.20 12.64
N ARG E 76 23.78 3.55 11.47
CA ARG E 76 23.65 4.95 11.07
C ARG E 76 22.44 5.25 10.20
N PRO E 77 22.05 6.53 10.11
CA PRO E 77 20.94 6.94 9.26
C PRO E 77 21.19 6.62 7.79
N GLN E 78 20.25 5.93 7.17
CA GLN E 78 20.31 5.64 5.74
C GLN E 78 19.67 6.79 4.97
N THR E 79 18.53 7.21 5.48
CA THR E 79 17.79 8.33 4.93
C THR E 79 17.27 9.20 6.07
N SER E 80 17.35 10.52 5.91
CA SER E 80 16.80 11.44 6.89
C SER E 80 16.26 12.69 6.21
N LYS E 81 15.51 13.47 6.98
CA LYS E 81 14.83 14.65 6.47
C LYS E 81 15.09 15.83 7.38
N LEU E 82 15.58 16.92 6.80
CA LEU E 82 15.84 18.13 7.58
C LEU E 82 14.51 18.80 7.94
N LYS E 83 14.33 19.06 9.23
CA LYS E 83 13.11 19.68 9.73
C LYS E 83 13.41 20.95 10.51
N ALA E 84 12.39 21.80 10.66
CA ALA E 84 12.52 23.04 11.41
C ALA E 84 11.55 23.03 12.58
N LEU E 85 12.01 23.57 13.71
CA LEU E 85 11.22 23.64 14.92
C LEU E 85 11.18 25.07 15.42
N ARG E 86 10.00 25.66 15.47
CA ARG E 86 9.84 27.07 15.84
C ARG E 86 9.37 27.21 17.28
N LEU E 87 10.26 27.68 18.15
CA LEU E 87 9.93 27.88 19.56
C LEU E 87 9.31 29.23 19.83
N ARG E 88 8.39 29.25 20.79
CA ARG E 88 7.84 30.49 21.31
C ARG E 88 8.67 30.97 22.49
N CYS E 89 9.70 31.76 22.20
CA CYS E 89 10.56 32.27 23.24
C CYS E 89 9.86 33.43 23.95
N SER E 90 10.42 33.86 25.08
CA SER E 90 9.85 34.98 25.84
C SER E 90 9.59 36.14 24.90
N GLY E 91 8.41 36.75 25.05
CA GLY E 91 7.88 37.66 24.06
C GLY E 91 8.84 38.71 23.53
N GLY E 92 8.76 39.07 22.25
CA GLY E 92 7.84 38.48 21.29
C GLY E 92 8.44 37.29 20.57
N MET E 93 9.74 37.09 20.79
CA MET E 93 10.58 36.24 19.93
C MET E 93 9.97 34.89 19.56
N ARG E 94 9.90 34.63 18.26
CA ARG E 94 9.58 33.30 17.74
C ARG E 94 10.83 32.77 17.02
N LEU E 95 11.50 31.83 17.66
CA LEU E 95 12.80 31.34 17.16
C LEU E 95 12.71 29.92 16.62
N THR E 96 13.56 29.64 15.64
CA THR E 96 13.54 28.36 14.94
C THR E 96 14.83 27.57 15.12
N ALA E 97 14.68 26.30 15.48
CA ALA E 97 15.79 25.35 15.52
C ALA E 97 15.67 24.40 14.34
N THR E 98 16.74 23.68 14.04
CA THR E 98 16.72 22.70 12.96
C THR E 98 17.42 21.42 13.37
N TYR E 99 16.82 20.30 13.00
CA TYR E 99 17.36 18.98 13.30
C TYR E 99 17.01 18.09 12.13
N ARG E 100 17.59 16.89 12.09
CA ARG E 100 17.25 15.92 11.06
C ARG E 100 16.47 14.75 11.65
N TYR E 101 15.36 14.42 11.00
CA TYR E 101 14.50 13.32 11.43
C TYR E 101 14.89 12.05 10.69
N ILE E 102 15.44 11.10 11.43
CA ILE E 102 15.92 9.86 10.84
C ILE E 102 14.75 8.98 10.41
N LEU E 103 14.74 8.60 9.14
CA LEU E 103 13.66 7.83 8.56
C LEU E 103 13.96 6.34 8.62
N SER E 104 15.21 5.99 8.34
CA SER E 104 15.66 4.61 8.38
C SER E 104 17.11 4.56 8.80
N CYS E 105 17.53 3.41 9.32
CA CYS E 105 18.91 3.21 9.74
C CYS E 105 19.44 1.85 9.33
N HIS E 106 20.74 1.81 9.09
CA HIS E 106 21.41 0.61 8.64
C HIS E 106 22.85 0.67 9.10
N CYS E 107 23.54 -0.45 9.07
CA CYS E 107 24.96 -0.45 9.38
C CYS E 107 25.73 -0.03 8.14
N GLU E 108 26.65 0.91 8.30
CA GLU E 108 27.43 1.40 7.16
C GLU E 108 28.80 1.86 7.60
N GLU E 109 29.65 2.16 6.61
CA GLU E 109 31.05 2.49 6.88
C GLU E 109 31.18 3.82 7.62
N CYS E 110 32.33 4.00 8.27
CA CYS E 110 32.56 5.14 9.14
C CYS E 110 33.23 6.31 8.42
N ASN E 111 34.14 6.00 7.50
CA ASN E 111 34.80 7.03 6.70
C ASN E 111 33.81 7.74 5.78
N SER E 112 33.00 6.94 5.08
CA SER E 112 32.00 7.46 4.16
C SER E 112 30.64 6.83 4.43
N ASP F 14 38.15 -14.91 23.38
CA ASP F 14 37.30 -14.95 22.21
C ASP F 14 38.12 -14.89 20.95
N PRO F 15 37.66 -15.68 19.89
CA PRO F 15 38.43 -15.48 18.66
C PRO F 15 37.76 -14.47 17.75
N ARG F 16 36.62 -13.96 18.17
CA ARG F 16 35.92 -13.01 17.38
C ARG F 16 36.29 -11.62 17.74
N ARG F 17 37.11 -11.45 18.75
CA ARG F 17 37.39 -10.14 19.27
C ARG F 17 38.51 -9.50 18.53
N CYS F 18 38.67 -8.19 18.66
CA CYS F 18 39.74 -7.48 17.99
C CYS F 18 41.06 -8.17 18.27
N MET F 19 41.79 -8.50 17.21
CA MET F 19 43.02 -9.29 17.33
C MET F 19 44.03 -8.90 16.26
N ARG F 20 45.31 -8.93 16.63
CA ARG F 20 46.37 -8.69 15.68
C ARG F 20 46.62 -9.95 14.86
N HIS F 21 46.72 -9.79 13.54
CA HIS F 21 46.99 -10.90 12.65
C HIS F 21 48.21 -10.59 11.79
N HIS F 22 49.04 -11.62 11.56
CA HIS F 22 50.22 -11.48 10.73
C HIS F 22 49.95 -12.01 9.33
N TYR F 23 50.57 -11.37 8.33
CA TYR F 23 50.41 -11.78 6.94
C TYR F 23 51.52 -11.20 6.09
N VAL F 24 51.90 -11.93 5.04
CA VAL F 24 52.91 -11.45 4.11
C VAL F 24 52.25 -10.65 3.00
N ASP F 25 52.86 -9.52 2.66
CA ASP F 25 52.37 -8.64 1.61
C ASP F 25 53.51 -8.36 0.64
N SER F 26 53.18 -8.29 -0.65
CA SER F 26 54.17 -7.94 -1.66
C SER F 26 54.09 -6.45 -1.95
N ILE F 27 55.16 -5.73 -1.64
CA ILE F 27 55.20 -4.28 -1.86
C ILE F 27 55.75 -4.00 -3.26
N SER F 28 55.00 -3.21 -4.03
CA SER F 28 55.41 -2.85 -5.38
C SER F 28 54.89 -1.46 -5.76
N HIS F 29 55.67 -0.76 -6.57
CA HIS F 29 55.28 0.56 -7.04
C HIS F 29 54.19 0.42 -8.12
N PRO F 30 53.17 1.30 -8.09
CA PRO F 30 52.09 1.19 -9.07
C PRO F 30 52.51 1.70 -10.45
N LEU F 31 53.58 2.48 -10.49
CA LEU F 31 54.09 3.07 -11.73
C LEU F 31 55.33 2.35 -12.23
N TYR F 32 56.37 2.33 -11.38
CA TYR F 32 57.70 1.95 -11.81
C TYR F 32 57.90 0.45 -11.92
N LYS F 33 58.66 0.03 -12.91
CA LYS F 33 59.17 -1.33 -12.98
C LYS F 33 60.20 -1.51 -11.88
N CYS F 34 59.75 -2.12 -10.79
CA CYS F 34 60.59 -2.36 -9.62
C CYS F 34 60.64 -3.85 -9.35
N SER F 35 61.75 -4.31 -8.77
CA SER F 35 61.82 -5.69 -8.31
C SER F 35 60.71 -5.89 -7.29
N SER F 36 60.20 -7.11 -7.18
CA SER F 36 59.18 -7.40 -6.18
C SER F 36 59.85 -7.56 -4.82
N LYS F 37 59.17 -7.14 -3.76
CA LYS F 37 59.66 -7.36 -2.41
C LYS F 37 58.50 -7.75 -1.51
N MET F 38 58.79 -8.65 -0.56
CA MET F 38 57.80 -9.15 0.36
C MET F 38 58.24 -8.93 1.79
N VAL F 39 57.26 -8.71 2.66
CA VAL F 39 57.53 -8.42 4.06
C VAL F 39 56.37 -8.91 4.91
N LEU F 40 56.66 -9.23 6.17
CA LEU F 40 55.62 -9.65 7.11
C LEU F 40 54.96 -8.43 7.72
N LEU F 41 53.64 -8.31 7.51
CA LEU F 41 52.87 -7.19 8.05
C LEU F 41 51.92 -7.65 9.14
N ALA F 42 51.52 -6.71 9.99
CA ALA F 42 50.50 -6.95 11.00
C ALA F 42 49.26 -6.14 10.66
N ARG F 43 48.10 -6.79 10.73
CA ARG F 43 46.83 -6.10 10.56
C ARG F 43 45.96 -6.43 11.75
N CYS F 44 44.93 -5.62 11.97
CA CYS F 44 43.99 -5.88 13.03
C CYS F 44 42.59 -6.13 12.48
N GLU F 45 41.85 -6.99 13.18
CA GLU F 45 40.58 -7.49 12.71
C GLU F 45 39.80 -8.13 13.84
N GLY F 46 38.47 -8.02 13.78
CA GLY F 46 37.62 -8.61 14.79
C GLY F 46 36.33 -7.84 14.98
N HIS F 47 35.47 -8.37 15.84
CA HIS F 47 34.21 -7.72 16.20
C HIS F 47 34.31 -7.12 17.59
N CYS F 48 34.20 -5.81 17.71
CA CYS F 48 34.12 -5.21 19.04
C CYS F 48 32.67 -5.08 19.47
N SER F 49 32.47 -5.18 20.78
CA SER F 49 31.18 -5.56 21.33
C SER F 49 30.27 -4.39 21.65
N GLN F 50 30.83 -3.19 21.77
CA GLN F 50 30.00 -2.03 22.04
C GLN F 50 29.07 -1.78 20.86
N ALA F 51 27.80 -1.51 21.15
CA ALA F 51 26.85 -1.17 20.11
C ALA F 51 27.18 0.20 19.54
N SER F 52 26.75 0.46 18.31
CA SER F 52 26.92 1.76 17.70
C SER F 52 25.58 2.48 17.74
N ARG F 53 25.61 3.80 17.70
CA ARG F 53 24.39 4.59 17.79
C ARG F 53 24.55 5.93 17.06
N SER F 54 23.44 6.55 16.70
CA SER F 54 23.46 7.85 16.03
C SER F 54 22.22 8.65 16.37
N GLU F 55 22.42 9.80 17.02
CA GLU F 55 21.33 10.70 17.41
C GLU F 55 21.31 11.92 16.52
N PRO F 56 20.12 12.55 16.39
CA PRO F 56 20.14 13.90 15.80
C PRO F 56 20.59 14.96 16.80
N LEU F 57 21.27 15.99 16.31
CA LEU F 57 21.62 17.16 17.13
C LEU F 57 20.72 18.33 16.75
N VAL F 58 20.26 19.07 17.76
CA VAL F 58 19.45 20.26 17.52
C VAL F 58 20.34 21.49 17.50
N SER F 59 20.12 22.36 16.53
CA SER F 59 20.89 23.59 16.39
C SER F 59 19.98 24.78 16.11
N PHE F 60 20.20 25.87 16.85
CA PHE F 60 19.51 27.12 16.61
C PHE F 60 20.33 28.04 15.72
N SER F 61 21.59 27.65 15.51
CA SER F 61 22.49 28.43 14.67
C SER F 61 21.89 28.58 13.29
N THR F 62 21.80 29.82 12.81
CA THR F 62 21.23 30.11 11.51
C THR F 62 22.03 29.38 10.42
N VAL F 63 23.23 28.95 10.78
CA VAL F 63 24.07 28.10 9.94
C VAL F 63 24.07 26.68 10.50
N LEU F 64 23.48 25.75 9.75
CA LEU F 64 23.38 24.36 10.22
C LEU F 64 24.72 23.63 10.11
N LYS F 65 24.71 22.32 10.29
CA LYS F 65 25.86 21.63 10.86
C LYS F 65 25.96 20.13 10.51
N GLN F 66 26.99 19.48 11.05
CA GLN F 66 27.04 18.02 11.08
C GLN F 66 25.88 17.58 11.98
N PRO F 67 24.86 16.92 11.41
CA PRO F 67 23.61 16.85 12.16
C PRO F 67 23.51 15.72 13.18
N PHE F 68 24.49 14.80 13.20
CA PHE F 68 24.35 13.60 14.03
C PHE F 68 25.47 13.40 15.06
N ARG F 69 25.05 13.06 16.27
CA ARG F 69 25.95 12.68 17.35
C ARG F 69 26.01 11.16 17.40
N SER F 70 27.20 10.60 17.21
CA SER F 70 27.35 9.16 17.05
C SER F 70 28.50 8.57 17.83
N SER F 71 28.40 7.27 18.09
CA SER F 71 29.44 6.49 18.74
C SER F 71 29.51 5.14 18.05
N CYS F 72 30.71 4.74 17.65
CA CYS F 72 30.91 3.46 16.99
C CYS F 72 32.33 2.98 17.19
N HIS F 73 32.48 1.74 17.66
CA HIS F 73 33.80 1.20 18.00
C HIS F 73 34.35 0.25 16.93
N CYS F 74 35.55 0.57 16.47
CA CYS F 74 36.20 -0.15 15.37
C CYS F 74 37.51 -0.78 15.80
N CYS F 75 37.75 -2.01 15.36
CA CYS F 75 38.99 -2.71 15.67
C CYS F 75 40.15 -2.01 14.97
N ARG F 76 41.02 -1.38 15.76
CA ARG F 76 42.04 -0.48 15.21
C ARG F 76 43.43 -0.65 15.83
N PRO F 77 44.46 -0.08 15.17
CA PRO F 77 45.83 -0.06 15.72
C PRO F 77 45.93 0.82 16.96
N GLN F 78 46.39 0.23 18.06
CA GLN F 78 46.57 0.94 19.32
C GLN F 78 47.99 1.49 19.38
N THR F 79 48.95 0.61 19.11
CA THR F 79 50.36 1.00 19.00
C THR F 79 50.90 0.52 17.66
N SER F 80 51.80 1.32 17.08
CA SER F 80 52.39 1.00 15.79
C SER F 80 53.85 1.46 15.74
N LYS F 81 54.64 0.77 14.93
CA LYS F 81 56.05 1.08 14.77
C LYS F 81 56.34 1.45 13.32
N LEU F 82 56.74 2.69 13.08
CA LEU F 82 57.04 3.14 11.72
C LEU F 82 58.24 2.38 11.19
N LYS F 83 58.13 1.90 9.96
CA LYS F 83 59.22 1.17 9.32
C LYS F 83 59.45 1.68 7.91
N ALA F 84 60.66 1.44 7.41
CA ALA F 84 61.04 1.86 6.07
C ALA F 84 61.59 0.67 5.30
N LEU F 85 61.43 0.71 3.98
CA LEU F 85 61.89 -0.37 3.12
C LEU F 85 62.40 0.21 1.82
N ARG F 86 63.55 -0.27 1.36
CA ARG F 86 64.15 0.24 0.13
C ARG F 86 64.08 -0.82 -0.96
N LEU F 87 63.86 -0.37 -2.20
CA LEU F 87 63.60 -1.28 -3.31
C LEU F 87 64.39 -0.89 -4.57
N ARG F 88 64.66 -1.89 -5.40
CA ARG F 88 65.47 -1.73 -6.60
C ARG F 88 64.58 -1.57 -7.82
N CYS F 89 64.54 -0.36 -8.36
CA CYS F 89 63.55 -0.02 -9.39
C CYS F 89 64.15 0.21 -10.78
N SER F 90 65.08 -0.67 -11.17
CA SER F 90 65.69 -0.64 -12.49
C SER F 90 66.21 0.76 -12.81
N GLY F 91 66.61 1.48 -11.76
CA GLY F 91 67.11 2.83 -11.89
C GLY F 91 68.21 3.06 -10.88
N GLY F 92 69.02 4.11 -11.09
CA GLY F 92 70.02 4.47 -10.13
C GLY F 92 69.34 4.74 -8.80
N MET F 93 68.12 5.27 -8.88
CA MET F 93 67.29 5.49 -7.70
C MET F 93 66.89 4.17 -7.02
N ARG F 94 67.40 3.98 -5.81
CA ARG F 94 66.89 2.94 -4.91
C ARG F 94 65.70 3.53 -4.17
N LEU F 95 64.54 2.87 -4.25
CA LEU F 95 63.29 3.50 -3.84
C LEU F 95 62.86 3.10 -2.43
N THR F 96 62.65 4.11 -1.59
CA THR F 96 62.29 3.89 -0.19
C THR F 96 60.78 3.93 0.02
N ALA F 97 60.25 2.90 0.67
CA ALA F 97 58.84 2.81 1.03
C ALA F 97 58.72 2.86 2.54
N THR F 98 57.60 3.38 3.04
CA THR F 98 57.35 3.45 4.47
C THR F 98 55.95 2.97 4.82
N TYR F 99 55.82 2.41 6.01
CA TYR F 99 54.54 1.89 6.49
C TYR F 99 54.62 1.69 8.00
N ARG F 100 53.48 1.41 8.61
CA ARG F 100 53.42 1.20 10.05
C ARG F 100 53.24 -0.28 10.39
N TYR F 101 54.17 -0.81 11.17
CA TYR F 101 54.04 -2.17 11.67
C TYR F 101 53.22 -2.14 12.96
N ILE F 102 52.11 -2.87 12.96
CA ILE F 102 51.17 -2.83 14.08
C ILE F 102 51.64 -3.76 15.20
N LEU F 103 51.56 -3.28 16.43
CA LEU F 103 52.06 -3.99 17.60
C LEU F 103 50.92 -4.48 18.47
N SER F 104 49.91 -3.63 18.63
CA SER F 104 48.74 -3.93 19.45
C SER F 104 47.50 -3.45 18.74
N CYS F 105 46.35 -3.97 19.16
CA CYS F 105 45.09 -3.54 18.58
C CYS F 105 43.95 -3.66 19.57
N HIS F 106 43.17 -2.59 19.62
CA HIS F 106 42.03 -2.50 20.50
C HIS F 106 40.93 -1.81 19.73
N CYS F 107 39.70 -1.95 20.20
CA CYS F 107 38.59 -1.26 19.56
C CYS F 107 38.43 0.13 20.11
N GLU F 108 38.26 1.09 19.21
CA GLU F 108 38.22 2.50 19.57
C GLU F 108 37.19 3.22 18.72
N GLU F 109 36.89 4.46 19.09
CA GLU F 109 35.90 5.25 18.38
C GLU F 109 36.34 5.50 16.94
N CYS F 110 35.39 5.42 16.02
CA CYS F 110 35.69 5.59 14.59
C CYS F 110 36.30 6.95 14.30
N ASN F 111 35.64 8.00 14.78
CA ASN F 111 36.14 9.37 14.62
C ASN F 111 36.69 9.89 15.94
N SER F 112 37.86 9.38 16.31
CA SER F 112 38.51 9.75 17.55
C SER F 112 39.15 11.13 17.48
N GLU G 2 -22.59 1.83 -2.93
CA GLU G 2 -22.77 2.54 -1.64
C GLU G 2 -24.09 3.34 -1.59
N GLU G 3 -18.51 1.66 -0.21
CA GLU G 3 -17.48 1.63 0.82
C GLU G 3 -16.36 2.64 0.52
N GLU G 4 -14.72 -1.99 2.34
CA GLU G 4 -14.45 -3.41 2.58
C GLU G 4 -14.37 -3.66 4.09
N GLU G 5 -12.04 -5.49 -0.67
CA GLU G 5 -10.91 -6.23 -1.27
C GLU G 5 -11.17 -6.46 -2.77
N GLU G 6 -9.46 -8.60 2.71
CA GLU G 6 -9.19 -9.77 3.55
C GLU G 6 -10.43 -10.07 4.39
N GLU G 7 -4.70 -10.46 5.25
CA GLU G 7 -3.45 -10.54 6.04
C GLU G 7 -2.26 -10.18 5.15
N GLU H 2 12.84 0.43 9.06
CA GLU H 2 13.85 -0.30 9.84
C GLU H 2 14.81 0.65 10.58
N GLU H 3 17.38 -3.40 8.97
CA GLU H 3 18.11 -4.44 8.21
C GLU H 3 17.84 -5.80 8.88
N GLU H 4 22.03 -3.92 5.91
CA GLU H 4 23.47 -4.00 5.61
C GLU H 4 23.80 -2.93 4.57
#